data_5SKY
#
_entry.id   5SKY
#
_cell.length_a   67.850
_cell.length_b   68.590
_cell.length_c   138.130
_cell.angle_alpha   90.000
_cell.angle_beta   90.000
_cell.angle_gamma   90.000
#
_symmetry.space_group_name_H-M   'P 21 21 21'
#
loop_
_entity.id
_entity.type
_entity.pdbx_description
1 polymer 'Proofreading exoribonuclease nsp14'
2 non-polymer 'ZINC ION'
3 non-polymer 'PHOSPHATE ION'
4 non-polymer N-[(4-methyl-1,3-thiazol-2-yl)methyl]-1H-pyrazole-5-carboxamide
5 water water
#
_entity_poly.entity_id   1
_entity_poly.type   'polypeptide(L)'
_entity_poly.pdbx_seq_one_letter_code
;SMLFKDCSKVITGLHPTQAPTHLSVDTKFKTEGLCVDIPGIPKDMTYRRLISMMGFKMNYQVNGYPNMFITREEAIRHVR
AWIGFDVEGCHATREAVGTNLPLQLGFSTGVNLVAVPTGYVDTPNNTDFSRVSAKPPPGDQFKHLIPLMYKGLPWNVVRI
KIVQMLSDTLKNLSDRVVFVLWAHGFELTSMKYFVKIGPERTCCLCDRRATCFSTASDTYACWHHSIGFDYVYNPFMIDV
QQWGFTGNLQSNHDLYCQVHGNAHVASCDAIMTRCLAVHECFVKRVDWTIEYPIIGDELKINAACRKVQHMVVKAALLAD
KFPVLHDIGNPKAIKCVPQADVEWKFYDAQPCSDKAYKIEELFYSYATHSDKFTDGVCLFWNCNVDRYPANSIVCRFDTR
VLSNLNLPGCDGGSLYVNKHAFHTPAFDKSAFVNLKQLPFFYYSDSPCESHGKQVVSDIDYVPLKSATCITRCNLGGAVC
RHHANEYRLYLDAYNMMISAGFSLWVYKQFDTYNLWNTFTRLQ
;
_entity_poly.pdbx_strand_id   D
#
loop_
_chem_comp.id
_chem_comp.type
_chem_comp.name
_chem_comp.formula
O2M non-polymer N-[(4-methyl-1,3-thiazol-2-yl)methyl]-1H-pyrazole-5-carboxamide 'C9 H10 N4 O S'
PO4 non-polymer 'PHOSPHATE ION' 'O4 P -3'
ZN non-polymer 'ZINC ION' 'Zn 2'
#
# COMPACT_ATOMS: atom_id res chain seq x y z
N PRO A 20 22.31 1.92 16.89
CA PRO A 20 20.88 2.24 16.76
C PRO A 20 20.16 1.45 15.65
N THR A 21 20.66 0.24 15.33
CA THR A 21 20.03 -0.59 14.32
C THR A 21 18.73 -1.20 14.87
N HIS A 22 18.82 -1.88 16.03
CA HIS A 22 17.65 -2.49 16.66
C HIS A 22 17.25 -1.75 17.97
N LEU A 23 16.05 -2.02 18.49
CA LEU A 23 15.57 -1.41 19.72
C LEU A 23 16.23 -2.14 20.88
N SER A 24 17.00 -1.42 21.74
CA SER A 24 17.68 -2.06 22.87
C SER A 24 16.66 -2.68 23.83
N VAL A 25 16.94 -3.90 24.33
CA VAL A 25 16.02 -4.50 25.31
C VAL A 25 16.04 -3.74 26.62
N ASP A 26 17.12 -2.99 26.92
CA ASP A 26 17.24 -2.18 28.11
C ASP A 26 16.48 -0.83 28.02
N THR A 27 15.74 -0.58 26.91
CA THR A 27 14.94 0.63 26.74
C THR A 27 13.72 0.57 27.67
N LYS A 28 13.28 1.72 28.17
CA LYS A 28 12.13 1.78 29.04
C LYS A 28 10.82 1.61 28.26
N PHE A 29 9.88 0.89 28.86
CA PHE A 29 8.55 0.64 28.32
C PHE A 29 7.58 1.29 29.32
N LYS A 30 6.73 2.22 28.85
CA LYS A 30 5.75 2.87 29.70
C LYS A 30 4.64 1.88 29.97
N THR A 31 4.38 1.54 31.24
CA THR A 31 3.41 0.49 31.56
C THR A 31 2.02 0.96 31.98
N GLU A 32 1.76 2.27 31.97
CA GLU A 32 0.48 2.84 32.40
C GLU A 32 -0.74 2.27 31.65
N GLY A 33 -0.60 2.08 30.35
CA GLY A 33 -1.63 1.49 29.51
C GLY A 33 -1.90 0.02 29.78
N LEU A 34 -0.98 -0.68 30.49
CA LEU A 34 -1.12 -2.10 30.84
C LEU A 34 -1.74 -2.35 32.22
N CYS A 35 -1.86 -1.31 33.07
CA CYS A 35 -2.24 -1.53 34.47
C CYS A 35 -3.73 -1.83 34.75
N VAL A 36 -4.65 -1.81 33.75
CA VAL A 36 -6.05 -2.21 34.02
C VAL A 36 -6.13 -3.73 33.86
N ASP A 37 -5.49 -4.29 32.81
CA ASP A 37 -5.42 -5.76 32.70
C ASP A 37 -4.38 -6.35 33.66
N ILE A 38 -3.34 -5.57 34.01
CA ILE A 38 -2.27 -6.00 34.91
C ILE A 38 -2.11 -5.02 36.08
N PRO A 39 -3.04 -5.08 37.06
CA PRO A 39 -2.93 -4.16 38.20
C PRO A 39 -1.69 -4.46 39.05
N GLY A 40 -1.02 -3.40 39.45
CA GLY A 40 0.19 -3.48 40.23
C GLY A 40 1.47 -3.54 39.39
N ILE A 41 1.35 -3.43 38.06
CA ILE A 41 2.53 -3.47 37.20
C ILE A 41 3.54 -2.35 37.57
N PRO A 42 4.83 -2.72 37.66
CA PRO A 42 5.85 -1.72 38.02
C PRO A 42 5.90 -0.61 36.99
N LYS A 43 6.02 0.62 37.45
CA LYS A 43 6.14 1.76 36.57
C LYS A 43 7.50 1.69 35.82
N ASP A 44 8.53 1.21 36.51
CA ASP A 44 9.85 1.05 35.95
C ASP A 44 9.86 -0.27 35.24
N MET A 45 10.02 -0.23 33.91
CA MET A 45 9.99 -1.44 33.12
C MET A 45 10.87 -1.32 31.87
N THR A 46 11.60 -2.37 31.52
CA THR A 46 12.38 -2.41 30.27
C THR A 46 11.77 -3.47 29.35
N TYR A 47 12.17 -3.49 28.07
CA TYR A 47 11.74 -4.55 27.16
C TYR A 47 12.18 -5.91 27.67
N ARG A 48 13.41 -5.99 28.22
CA ARG A 48 14.00 -7.18 28.80
C ARG A 48 13.08 -7.80 29.87
N ARG A 49 12.59 -6.98 30.83
CA ARG A 49 11.69 -7.44 31.89
C ARG A 49 10.28 -7.72 31.36
N LEU A 50 9.84 -6.96 30.35
CA LEU A 50 8.52 -7.16 29.73
C LEU A 50 8.46 -8.50 29.00
N ILE A 51 9.43 -8.79 28.12
CA ILE A 51 9.49 -10.07 27.39
C ILE A 51 9.52 -11.26 28.38
N SER A 52 10.24 -11.09 29.51
CA SER A 52 10.31 -12.08 30.57
C SER A 52 8.93 -12.30 31.22
N MET A 53 8.22 -11.21 31.53
CA MET A 53 6.87 -11.23 32.09
C MET A 53 5.89 -11.91 31.11
N MET A 54 6.12 -11.76 29.80
CA MET A 54 5.30 -12.39 28.78
C MET A 54 5.53 -13.91 28.64
N GLY A 55 6.47 -14.47 29.41
CA GLY A 55 6.78 -15.88 29.37
C GLY A 55 7.83 -16.32 28.37
N PHE A 56 8.62 -15.40 27.79
CA PHE A 56 9.66 -15.76 26.83
C PHE A 56 11.05 -15.64 27.42
N LYS A 57 11.97 -16.55 27.07
CA LYS A 57 13.34 -16.48 27.56
C LYS A 57 14.29 -16.20 26.38
N MET A 58 15.03 -15.08 26.44
CA MET A 58 15.94 -14.74 25.33
C MET A 58 17.35 -15.40 25.47
N ASN A 59 17.76 -15.80 26.69
CA ASN A 59 19.02 -16.53 26.96
C ASN A 59 20.35 -15.94 26.36
N TYR A 60 20.56 -14.60 26.42
CA TYR A 60 21.77 -13.91 25.89
C TYR A 60 22.10 -14.37 24.46
N GLN A 61 21.09 -14.39 23.60
CA GLN A 61 21.23 -14.89 22.25
C GLN A 61 21.60 -13.82 21.21
N VAL A 62 22.85 -13.86 20.72
CA VAL A 62 23.26 -13.00 19.62
C VAL A 62 23.06 -13.84 18.37
N ASN A 63 21.80 -13.94 17.89
CA ASN A 63 21.52 -14.75 16.71
C ASN A 63 20.40 -14.12 15.85
N GLY A 64 20.54 -12.84 15.52
CA GLY A 64 19.64 -12.12 14.62
C GLY A 64 18.28 -11.65 15.13
N TYR A 65 17.89 -12.07 16.33
CA TYR A 65 16.59 -11.68 16.90
C TYR A 65 16.88 -11.03 18.26
N PRO A 66 17.35 -9.76 18.29
CA PRO A 66 17.75 -9.16 19.58
C PRO A 66 16.59 -8.78 20.49
N ASN A 67 15.44 -8.50 19.91
CA ASN A 67 14.28 -8.05 20.67
C ASN A 67 13.00 -8.44 19.90
N MET A 68 11.92 -8.75 20.63
CA MET A 68 10.62 -9.01 20.01
C MET A 68 10.00 -7.68 19.51
N PHE A 69 10.32 -6.58 20.20
CA PHE A 69 9.85 -5.25 19.89
C PHE A 69 10.85 -4.52 19.01
N ILE A 70 10.32 -3.68 18.12
CA ILE A 70 11.15 -2.94 17.18
C ILE A 70 10.88 -1.43 17.26
N THR A 71 11.77 -0.62 16.66
CA THR A 71 11.63 0.84 16.61
C THR A 71 10.57 1.26 15.56
N ARG A 72 10.14 2.53 15.60
CA ARG A 72 9.22 3.09 14.62
C ARG A 72 9.90 3.08 13.24
N GLU A 73 11.20 3.37 13.17
CA GLU A 73 11.95 3.35 11.91
C GLU A 73 11.99 1.93 11.30
N GLU A 74 12.25 0.90 12.14
CA GLU A 74 12.24 -0.48 11.63
C GLU A 74 10.80 -0.85 11.24
N ALA A 75 9.79 -0.41 11.98
CA ALA A 75 8.39 -0.68 11.64
C ALA A 75 8.02 -0.07 10.30
N ILE A 76 8.48 1.16 10.01
CA ILE A 76 8.19 1.84 8.74
C ILE A 76 8.81 1.09 7.59
N ARG A 77 10.06 0.63 7.76
CA ARG A 77 10.69 -0.17 6.70
C ARG A 77 9.95 -1.48 6.44
N HIS A 78 9.18 -1.99 7.43
CA HIS A 78 8.46 -3.26 7.30
C HIS A 78 6.95 -3.07 7.33
N VAL A 79 6.45 -1.92 6.82
CA VAL A 79 5.02 -1.64 6.77
C VAL A 79 4.18 -2.76 6.13
N ARG A 80 4.71 -3.48 5.10
CA ARG A 80 3.96 -4.57 4.48
C ARG A 80 3.65 -5.73 5.43
N ALA A 81 4.46 -5.87 6.50
CA ALA A 81 4.31 -6.92 7.51
C ALA A 81 3.31 -6.53 8.62
N TRP A 82 2.79 -5.28 8.64
CA TRP A 82 1.90 -4.84 9.71
C TRP A 82 0.58 -5.57 9.81
N ILE A 83 0.31 -6.10 11.02
CA ILE A 83 -0.95 -6.76 11.30
C ILE A 83 -1.37 -6.23 12.65
N GLY A 84 -2.37 -5.36 12.66
CA GLY A 84 -2.95 -4.82 13.89
C GLY A 84 -3.51 -5.98 14.70
N PHE A 85 -3.33 -5.95 16.02
CA PHE A 85 -3.71 -7.07 16.85
C PHE A 85 -4.19 -6.62 18.20
N ASP A 86 -5.36 -7.12 18.61
CA ASP A 86 -5.96 -6.77 19.87
C ASP A 86 -6.61 -7.98 20.53
N VAL A 87 -6.53 -8.06 21.86
CA VAL A 87 -7.16 -9.13 22.63
C VAL A 87 -8.05 -8.48 23.68
N GLU A 88 -9.32 -8.91 23.75
CA GLU A 88 -10.30 -8.42 24.72
C GLU A 88 -10.75 -9.56 25.61
N GLY A 89 -10.79 -9.31 26.92
CA GLY A 89 -11.20 -10.31 27.89
C GLY A 89 -12.68 -10.24 28.26
N CYS A 90 -13.03 -10.83 29.41
CA CYS A 90 -14.43 -10.88 29.86
C CYS A 90 -14.66 -10.27 31.28
N HIS A 91 -15.96 -10.08 31.64
CA HIS A 91 -16.43 -9.54 32.93
C HIS A 91 -15.91 -8.11 33.23
N GLY A 98 -6.95 -13.66 31.22
CA GLY A 98 -7.32 -13.96 32.60
C GLY A 98 -7.13 -15.41 33.01
N THR A 99 -6.94 -16.31 32.01
CA THR A 99 -6.75 -17.78 32.11
C THR A 99 -8.00 -18.53 32.70
N ASN A 100 -9.02 -17.77 33.15
CA ASN A 100 -10.27 -18.32 33.64
C ASN A 100 -11.42 -18.00 32.64
N LEU A 101 -11.32 -16.84 31.96
CA LEU A 101 -12.29 -16.33 31.01
C LEU A 101 -11.85 -16.54 29.55
N PRO A 102 -12.82 -16.62 28.61
CA PRO A 102 -12.44 -16.71 27.19
C PRO A 102 -11.99 -15.36 26.63
N LEU A 103 -11.04 -15.38 25.70
CA LEU A 103 -10.49 -14.17 25.11
C LEU A 103 -10.86 -14.06 23.64
N GLN A 104 -11.12 -12.83 23.18
CA GLN A 104 -11.38 -12.61 21.76
C GLN A 104 -10.13 -12.00 21.14
N LEU A 105 -9.58 -12.66 20.11
CA LEU A 105 -8.37 -12.20 19.43
C LEU A 105 -8.83 -11.57 18.14
N GLY A 106 -8.52 -10.32 17.93
CA GLY A 106 -8.89 -9.61 16.72
C GLY A 106 -7.65 -9.20 15.97
N PHE A 107 -7.70 -9.30 14.64
CA PHE A 107 -6.60 -8.96 13.75
C PHE A 107 -7.09 -7.92 12.73
N SER A 108 -6.18 -7.08 12.16
CA SER A 108 -6.62 -6.08 11.17
C SER A 108 -7.09 -6.71 9.82
N THR A 109 -7.08 -8.03 9.72
CA THR A 109 -7.62 -8.76 8.58
C THR A 109 -9.17 -8.84 8.66
N GLY A 110 -9.77 -8.40 9.77
CA GLY A 110 -11.19 -8.50 10.05
C GLY A 110 -11.54 -9.77 10.81
N VAL A 111 -10.56 -10.60 11.15
CA VAL A 111 -10.78 -11.85 11.85
C VAL A 111 -10.86 -11.69 13.37
N ASN A 112 -11.87 -12.35 13.97
CA ASN A 112 -12.01 -12.44 15.41
C ASN A 112 -12.04 -13.93 15.75
N LEU A 113 -11.14 -14.39 16.63
CA LEU A 113 -11.15 -15.79 17.07
C LEU A 113 -11.40 -15.79 18.58
N VAL A 114 -12.15 -16.75 19.10
CA VAL A 114 -12.35 -16.86 20.55
C VAL A 114 -11.52 -18.02 21.06
N ALA A 115 -10.62 -17.75 22.02
CA ALA A 115 -9.78 -18.76 22.64
C ALA A 115 -10.30 -19.03 24.03
N VAL A 116 -10.49 -20.32 24.37
CA VAL A 116 -10.91 -20.75 25.71
C VAL A 116 -9.76 -21.52 26.38
N PRO A 117 -9.63 -21.41 27.71
CA PRO A 117 -8.51 -22.08 28.39
C PRO A 117 -8.90 -23.42 29.00
N THR A 118 -9.90 -24.12 28.44
CA THR A 118 -10.38 -25.41 28.96
C THR A 118 -9.29 -26.49 29.04
N PRO A 147 -14.88 -8.46 10.44
CA PRO A 147 -16.05 -8.81 11.26
C PRO A 147 -16.34 -10.32 11.31
N LEU A 148 -15.36 -11.17 10.95
CA LEU A 148 -15.56 -12.62 10.95
C LEU A 148 -15.47 -13.18 12.36
N MET A 149 -16.63 -13.56 12.94
CA MET A 149 -16.79 -14.07 14.31
C MET A 149 -16.74 -15.59 14.41
N TYR A 150 -15.76 -16.14 15.14
CA TYR A 150 -15.68 -17.60 15.31
C TYR A 150 -15.92 -17.96 16.79
N LYS A 151 -16.72 -19.01 17.06
CA LYS A 151 -17.02 -19.44 18.44
C LYS A 151 -15.79 -20.04 19.14
N GLY A 152 -15.77 -19.96 20.48
CA GLY A 152 -14.70 -20.38 21.37
C GLY A 152 -14.08 -21.75 21.19
N LEU A 153 -12.75 -21.79 21.06
CA LEU A 153 -11.98 -23.02 20.86
C LEU A 153 -10.67 -22.98 21.64
N PRO A 154 -10.13 -24.14 22.07
CA PRO A 154 -8.86 -24.12 22.81
C PRO A 154 -7.67 -23.62 22.01
N TRP A 155 -6.65 -23.10 22.71
CA TRP A 155 -5.45 -22.54 22.09
C TRP A 155 -4.76 -23.45 21.07
N ASN A 156 -4.74 -24.77 21.31
CA ASN A 156 -4.10 -25.71 20.40
C ASN A 156 -4.69 -25.72 19.02
N VAL A 157 -5.97 -25.31 18.84
CA VAL A 157 -6.53 -25.21 17.50
C VAL A 157 -6.48 -23.76 17.01
N VAL A 158 -6.65 -22.77 17.92
CA VAL A 158 -6.60 -21.34 17.57
C VAL A 158 -5.24 -21.00 16.92
N ARG A 159 -4.16 -21.50 17.51
CA ARG A 159 -2.80 -21.27 17.02
C ARG A 159 -2.63 -21.74 15.58
N ILE A 160 -3.22 -22.90 15.20
CA ILE A 160 -3.24 -23.45 13.84
C ILE A 160 -3.89 -22.45 12.85
N LYS A 161 -5.04 -21.87 13.23
CA LYS A 161 -5.77 -20.89 12.43
C LYS A 161 -4.99 -19.58 12.27
N ILE A 162 -4.28 -19.14 13.32
CA ILE A 162 -3.46 -17.93 13.29
C ILE A 162 -2.33 -18.08 12.28
N VAL A 163 -1.66 -19.24 12.27
CA VAL A 163 -0.59 -19.50 11.30
C VAL A 163 -1.12 -19.47 9.89
N GLN A 164 -2.27 -20.13 9.63
CA GLN A 164 -2.88 -20.12 8.31
C GLN A 164 -3.22 -18.68 7.86
N MET A 165 -3.89 -17.92 8.73
CA MET A 165 -4.32 -16.55 8.43
C MET A 165 -3.15 -15.59 8.14
N LEU A 166 -2.13 -15.59 8.99
CA LEU A 166 -0.95 -14.73 8.77
C LEU A 166 -0.18 -15.15 7.50
N SER A 167 -0.06 -16.47 7.24
CA SER A 167 0.63 -16.95 6.07
C SER A 167 -0.06 -16.54 4.78
N ASP A 168 -1.41 -16.66 4.73
CA ASP A 168 -2.14 -16.29 3.53
C ASP A 168 -2.16 -14.80 3.31
N THR A 169 -2.14 -14.00 4.39
CA THR A 169 -2.17 -12.54 4.23
C THR A 169 -0.80 -12.04 3.82
N LEU A 170 0.27 -12.59 4.43
CA LEU A 170 1.62 -12.05 4.25
C LEU A 170 2.55 -12.72 3.26
N LYS A 171 2.28 -13.92 2.73
CA LYS A 171 3.25 -14.61 1.87
C LYS A 171 3.71 -13.78 0.66
N ASN A 172 2.81 -13.03 0.04
CA ASN A 172 3.17 -12.20 -1.12
C ASN A 172 3.49 -10.74 -0.71
N LEU A 173 3.58 -10.43 0.59
CA LEU A 173 3.83 -9.09 1.04
C LEU A 173 5.18 -8.92 1.69
N SER A 174 5.55 -9.85 2.59
CA SER A 174 6.71 -9.65 3.44
C SER A 174 7.36 -10.95 3.91
N ASP A 175 8.60 -10.83 4.42
CA ASP A 175 9.35 -11.94 5.00
C ASP A 175 9.08 -12.10 6.51
N ARG A 176 8.17 -11.29 7.11
CA ARG A 176 7.88 -11.33 8.53
C ARG A 176 6.43 -10.84 8.84
N VAL A 177 6.08 -10.74 10.14
CA VAL A 177 4.86 -10.19 10.66
C VAL A 177 5.26 -9.18 11.74
N VAL A 178 4.60 -7.99 11.76
CA VAL A 178 4.82 -6.96 12.77
C VAL A 178 3.47 -6.75 13.44
N PHE A 179 3.28 -7.24 14.67
CA PHE A 179 2.02 -7.06 15.37
C PHE A 179 1.93 -5.62 15.84
N VAL A 180 0.93 -4.90 15.37
CA VAL A 180 0.78 -3.50 15.72
C VAL A 180 -0.20 -3.44 16.87
N LEU A 181 0.26 -2.95 18.02
CA LEU A 181 -0.55 -2.97 19.23
C LEU A 181 -0.89 -1.57 19.77
N TRP A 182 -1.96 -1.53 20.55
CA TRP A 182 -2.36 -0.45 21.43
C TRP A 182 -2.52 -1.27 22.72
N ALA A 183 -1.37 -1.66 23.27
CA ALA A 183 -1.22 -2.60 24.36
C ALA A 183 -1.87 -2.22 25.66
N HIS A 184 -2.75 -3.12 26.13
CA HIS A 184 -3.39 -2.99 27.44
C HIS A 184 -3.10 -4.18 28.38
N GLY A 185 -2.44 -5.22 27.90
CA GLY A 185 -2.07 -6.36 28.75
C GLY A 185 -2.37 -7.72 28.19
N PHE A 186 -3.66 -8.02 27.90
CA PHE A 186 -4.09 -9.33 27.39
C PHE A 186 -3.42 -9.77 26.09
N GLU A 187 -3.15 -8.84 25.15
CA GLU A 187 -2.52 -9.24 23.88
C GLU A 187 -1.09 -9.73 24.10
N LEU A 188 -0.35 -9.13 25.05
CA LEU A 188 1.01 -9.52 25.34
C LEU A 188 1.08 -10.82 26.14
N THR A 189 0.19 -11.00 27.13
CA THR A 189 0.18 -12.23 27.92
C THR A 189 -0.43 -13.43 27.13
N SER A 190 -1.07 -13.18 25.98
CA SER A 190 -1.63 -14.25 25.19
C SER A 190 -0.64 -14.77 24.11
N MET A 191 0.46 -14.04 23.86
CA MET A 191 1.41 -14.42 22.84
C MET A 191 2.11 -15.74 23.11
N LYS A 192 2.34 -16.11 24.36
CA LYS A 192 2.97 -17.39 24.70
C LYS A 192 2.17 -18.61 24.22
N TYR A 193 0.87 -18.42 23.93
CA TYR A 193 0.01 -19.50 23.49
C TYR A 193 0.09 -19.78 21.98
N PHE A 194 0.67 -18.84 21.19
CA PHE A 194 0.79 -19.08 19.76
C PHE A 194 2.14 -18.65 19.17
N VAL A 195 3.08 -18.17 19.98
CA VAL A 195 4.36 -17.67 19.51
C VAL A 195 5.50 -18.49 20.11
N LYS A 196 6.49 -18.83 19.29
CA LYS A 196 7.75 -19.44 19.75
C LYS A 196 8.85 -18.50 19.24
N ILE A 197 9.88 -18.30 20.06
CA ILE A 197 11.01 -17.47 19.69
C ILE A 197 12.33 -18.29 19.78
N GLY A 198 13.38 -17.77 19.17
CA GLY A 198 14.69 -18.41 19.21
C GLY A 198 15.62 -17.75 18.23
N PRO A 199 16.68 -18.45 17.83
CA PRO A 199 17.60 -17.86 16.84
C PRO A 199 16.96 -17.71 15.47
N GLU A 200 17.47 -16.78 14.64
CA GLU A 200 16.98 -16.62 13.28
C GLU A 200 17.23 -17.91 12.48
N ARG A 201 16.23 -18.34 11.72
CA ARG A 201 16.33 -19.58 10.97
C ARG A 201 15.88 -19.45 9.52
N THR A 202 16.08 -20.50 8.72
CA THR A 202 15.58 -20.51 7.36
C THR A 202 14.51 -21.55 7.21
N CYS A 203 13.66 -21.40 6.20
CA CYS A 203 12.59 -22.33 5.89
C CYS A 203 13.17 -23.73 5.57
N CYS A 204 12.41 -24.79 5.89
CA CYS A 204 12.86 -26.16 5.61
C CYS A 204 12.74 -26.51 4.13
N LEU A 205 11.86 -25.84 3.39
CA LEU A 205 11.66 -26.09 1.97
C LEU A 205 12.26 -25.00 1.07
N CYS A 206 12.78 -23.88 1.63
CA CYS A 206 13.37 -22.82 0.81
C CYS A 206 14.37 -21.93 1.58
N ASP A 207 14.89 -20.89 0.93
CA ASP A 207 15.90 -20.02 1.49
C ASP A 207 15.38 -18.82 2.26
N ARG A 208 14.07 -18.58 2.25
CA ARG A 208 13.48 -17.46 3.00
C ARG A 208 13.59 -17.67 4.50
N ARG A 209 13.57 -16.57 5.29
CA ARG A 209 13.63 -16.71 6.75
C ARG A 209 12.37 -17.41 7.25
N ALA A 210 12.53 -18.18 8.32
CA ALA A 210 11.45 -18.93 8.93
C ALA A 210 10.51 -17.99 9.71
N THR A 211 9.22 -18.11 9.45
CA THR A 211 8.21 -17.33 10.16
C THR A 211 7.25 -18.22 10.97
N CYS A 212 7.36 -19.55 10.85
CA CYS A 212 6.47 -20.50 11.52
C CYS A 212 7.24 -21.70 12.03
N PHE A 213 6.67 -22.41 13.01
CA PHE A 213 7.30 -23.60 13.57
C PHE A 213 6.23 -24.68 13.74
N SER A 214 6.63 -25.95 13.59
CA SER A 214 5.69 -27.04 13.76
C SER A 214 6.13 -27.97 14.88
N THR A 215 5.30 -28.12 15.95
CA THR A 215 5.63 -29.07 17.02
C THR A 215 5.46 -30.52 16.56
N ALA A 216 4.66 -30.77 15.50
CA ALA A 216 4.41 -32.10 14.98
C ALA A 216 5.66 -32.68 14.32
N SER A 217 6.34 -31.89 13.48
CA SER A 217 7.54 -32.37 12.80
C SER A 217 8.86 -31.78 13.34
N ASP A 218 8.79 -30.79 14.24
CA ASP A 218 9.94 -30.08 14.78
C ASP A 218 10.75 -29.34 13.68
N THR A 219 10.03 -28.72 12.73
CA THR A 219 10.65 -28.00 11.63
C THR A 219 10.16 -26.53 11.58
N TYR A 220 10.80 -25.72 10.73
CA TYR A 220 10.52 -24.31 10.53
C TYR A 220 10.13 -24.04 9.09
N ALA A 221 9.27 -23.05 8.86
CA ALA A 221 8.85 -22.70 7.52
C ALA A 221 8.61 -21.24 7.36
N CYS A 222 8.75 -20.71 6.14
CA CYS A 222 8.41 -19.34 5.80
C CYS A 222 6.84 -19.26 5.61
N TRP A 223 6.28 -18.11 5.16
CA TRP A 223 4.83 -17.99 4.96
C TRP A 223 4.33 -18.85 3.78
N HIS A 224 5.21 -19.12 2.78
CA HIS A 224 4.83 -19.94 1.62
C HIS A 224 4.80 -21.43 1.93
N HIS A 225 5.52 -21.93 2.97
CA HIS A 225 5.59 -23.39 3.19
C HIS A 225 5.09 -23.88 4.54
N SER A 226 4.28 -23.07 5.21
CA SER A 226 3.81 -23.35 6.55
C SER A 226 2.50 -24.12 6.70
N ILE A 227 2.02 -24.81 5.65
CA ILE A 227 0.75 -25.54 5.75
C ILE A 227 0.83 -26.61 6.83
N GLY A 228 -0.06 -26.52 7.81
CA GLY A 228 -0.05 -27.46 8.92
C GLY A 228 0.82 -27.03 10.10
N PHE A 229 1.51 -25.86 9.98
CA PHE A 229 2.36 -25.39 11.10
C PHE A 229 1.48 -24.78 12.19
N ASP A 230 1.92 -24.91 13.46
CA ASP A 230 1.09 -24.47 14.58
C ASP A 230 1.61 -23.29 15.36
N TYR A 231 2.91 -22.89 15.23
CA TYR A 231 3.39 -21.73 15.98
C TYR A 231 3.90 -20.60 15.12
N VAL A 232 3.72 -19.37 15.59
CA VAL A 232 4.26 -18.20 14.91
C VAL A 232 5.69 -18.12 15.43
N TYR A 233 6.66 -18.11 14.53
CA TYR A 233 8.05 -18.08 14.93
C TYR A 233 8.71 -16.72 14.71
N ASN A 234 9.39 -16.19 15.76
CA ASN A 234 10.08 -14.91 15.75
C ASN A 234 9.26 -13.77 15.14
N PRO A 235 8.05 -13.53 15.67
CA PRO A 235 7.28 -12.38 15.19
C PRO A 235 7.87 -11.09 15.73
N PHE A 236 7.48 -9.96 15.15
CA PHE A 236 7.89 -8.65 15.65
C PHE A 236 6.65 -7.93 16.16
N MET A 237 6.85 -6.86 16.93
CA MET A 237 5.73 -6.12 17.50
C MET A 237 6.13 -4.74 17.90
N ILE A 238 5.16 -3.84 17.89
CA ILE A 238 5.38 -2.46 18.25
C ILE A 238 4.12 -1.97 18.94
N ASP A 239 4.29 -1.27 20.07
CA ASP A 239 3.19 -0.73 20.84
C ASP A 239 3.08 0.74 20.52
N VAL A 240 2.03 1.11 19.74
CA VAL A 240 1.72 2.49 19.35
C VAL A 240 1.55 3.38 20.58
N GLN A 241 1.01 2.82 21.65
CA GLN A 241 0.83 3.56 22.89
C GLN A 241 2.17 4.09 23.47
N GLN A 242 3.32 3.58 23.03
CA GLN A 242 4.62 4.11 23.48
C GLN A 242 4.99 5.43 22.82
N TRP A 243 4.26 5.88 21.81
CA TRP A 243 4.62 7.06 21.03
C TRP A 243 4.21 8.39 21.64
N GLY A 244 3.49 8.37 22.75
CA GLY A 244 3.07 9.60 23.42
C GLY A 244 1.73 10.10 22.96
N PHE A 245 0.66 9.51 23.48
CA PHE A 245 -0.70 9.92 23.12
C PHE A 245 -1.50 10.25 24.36
N THR A 246 -2.51 11.10 24.20
CA THR A 246 -3.42 11.47 25.27
C THR A 246 -4.77 10.86 24.94
N GLY A 247 -5.34 10.13 25.90
CA GLY A 247 -6.61 9.47 25.70
C GLY A 247 -6.48 8.10 25.05
N ASN A 248 -7.62 7.43 24.89
CA ASN A 248 -7.73 6.08 24.39
C ASN A 248 -7.50 5.96 22.86
N LEU A 249 -7.56 4.72 22.34
CA LEU A 249 -7.40 4.43 20.90
C LEU A 249 -8.45 5.11 20.03
N GLN A 250 -9.74 4.92 20.35
CA GLN A 250 -10.83 5.48 19.55
C GLN A 250 -10.72 7.00 19.40
N SER A 251 -10.46 7.74 20.48
CA SER A 251 -10.36 9.19 20.39
C SER A 251 -9.18 9.69 19.55
N ASN A 252 -8.07 8.95 19.52
CA ASN A 252 -6.92 9.36 18.71
C ASN A 252 -7.13 8.98 17.24
N HIS A 253 -7.71 7.79 17.00
CA HIS A 253 -8.00 7.30 15.66
C HIS A 253 -9.04 8.22 14.98
N ASP A 254 -10.15 8.53 15.68
CA ASP A 254 -11.24 9.33 15.14
C ASP A 254 -10.89 10.77 14.80
N LEU A 255 -9.74 11.26 15.27
CA LEU A 255 -9.28 12.61 14.93
C LEU A 255 -8.92 12.71 13.44
N TYR A 256 -8.53 11.56 12.82
CA TYR A 256 -8.05 11.47 11.44
C TYR A 256 -8.87 10.56 10.52
N CYS A 257 -9.72 9.69 11.08
CA CYS A 257 -10.42 8.71 10.25
C CYS A 257 -11.87 8.49 10.63
N GLN A 258 -12.74 8.53 9.62
CA GLN A 258 -14.18 8.27 9.82
C GLN A 258 -14.66 6.99 9.11
N VAL A 259 -13.76 6.22 8.49
CA VAL A 259 -14.12 5.03 7.75
C VAL A 259 -14.18 3.76 8.63
N HIS A 260 -13.38 3.72 9.71
CA HIS A 260 -13.40 2.59 10.63
C HIS A 260 -14.23 2.93 11.86
N GLY A 261 -15.21 2.10 12.19
CA GLY A 261 -16.04 2.32 13.36
C GLY A 261 -15.58 1.50 14.55
N ASN A 262 -16.25 1.66 15.69
CA ASN A 262 -15.91 0.88 16.88
C ASN A 262 -17.06 -0.03 17.28
N ALA A 263 -17.33 -1.05 16.45
CA ALA A 263 -18.42 -2.00 16.68
C ALA A 263 -18.27 -2.88 17.92
N HIS A 264 -17.24 -2.65 18.75
CA HIS A 264 -17.01 -3.40 19.98
C HIS A 264 -16.66 -4.90 19.77
N VAL A 265 -15.81 -5.18 18.79
CA VAL A 265 -15.18 -6.47 18.55
C VAL A 265 -13.66 -6.16 18.47
N ALA A 266 -12.84 -7.11 18.88
CA ALA A 266 -11.39 -6.94 18.93
C ALA A 266 -10.78 -6.55 17.57
N SER A 267 -11.34 -7.01 16.48
CA SER A 267 -10.83 -6.68 15.15
C SER A 267 -11.05 -5.20 14.80
N CYS A 268 -12.08 -4.53 15.37
CA CYS A 268 -12.26 -3.10 15.14
C CYS A 268 -11.09 -2.33 15.76
N ASP A 269 -10.67 -2.73 16.97
CA ASP A 269 -9.54 -2.09 17.63
C ASP A 269 -8.25 -2.40 16.86
N ALA A 270 -8.06 -3.64 16.41
CA ALA A 270 -6.89 -4.05 15.64
C ALA A 270 -6.79 -3.22 14.35
N ILE A 271 -7.93 -2.95 13.72
CA ILE A 271 -8.03 -2.13 12.50
C ILE A 271 -7.70 -0.64 12.80
N MET A 272 -8.29 -0.06 13.87
CA MET A 272 -8.02 1.31 14.29
C MET A 272 -6.54 1.51 14.67
N THR A 273 -5.93 0.54 15.36
CA THR A 273 -4.53 0.58 15.79
C THR A 273 -3.60 0.70 14.56
N ARG A 274 -3.78 -0.19 13.57
CA ARG A 274 -2.95 -0.15 12.38
C ARG A 274 -3.22 1.13 11.55
N CYS A 275 -4.48 1.58 11.48
CA CYS A 275 -4.82 2.82 10.78
C CYS A 275 -4.11 4.01 11.43
N LEU A 276 -4.13 4.09 12.79
CA LEU A 276 -3.50 5.17 13.52
C LEU A 276 -1.98 5.18 13.30
N ALA A 277 -1.37 3.99 13.29
CA ALA A 277 0.06 3.86 13.02
C ALA A 277 0.38 4.31 11.57
N VAL A 278 -0.47 3.95 10.58
CA VAL A 278 -0.27 4.37 9.18
C VAL A 278 -0.36 5.92 9.08
N HIS A 279 -1.32 6.53 9.80
CA HIS A 279 -1.47 7.98 9.82
C HIS A 279 -0.20 8.66 10.36
N GLU A 280 0.33 8.19 11.49
CA GLU A 280 1.52 8.76 12.12
C GLU A 280 2.80 8.59 11.34
N CYS A 281 2.90 7.49 10.59
CA CYS A 281 4.14 7.18 9.89
C CYS A 281 4.13 7.50 8.42
N PHE A 282 2.94 7.71 7.81
CA PHE A 282 2.88 7.93 6.37
C PHE A 282 2.03 9.13 5.97
N VAL A 283 1.07 9.54 6.80
CA VAL A 283 0.22 10.67 6.49
C VAL A 283 0.83 11.99 7.02
N LYS A 284 0.95 12.14 8.35
CA LYS A 284 1.52 13.34 8.96
C LYS A 284 3.06 13.38 8.94
N ARG A 285 3.71 12.26 8.60
CA ARG A 285 5.14 12.17 8.49
C ARG A 285 5.42 11.45 7.18
N VAL A 286 6.15 12.10 6.25
CA VAL A 286 6.41 11.47 4.96
C VAL A 286 7.91 11.28 4.71
N ASP A 287 8.34 10.05 4.43
CA ASP A 287 9.74 9.80 4.11
C ASP A 287 9.85 9.12 2.75
N TRP A 288 10.15 9.90 1.69
CA TRP A 288 10.29 9.32 0.35
C TRP A 288 11.73 8.83 0.03
N THR A 289 12.58 8.70 1.05
CA THR A 289 13.94 8.16 0.86
C THR A 289 13.97 6.65 1.12
N ILE A 290 13.04 6.14 1.95
CA ILE A 290 12.96 4.73 2.28
C ILE A 290 12.60 3.94 1.06
N GLU A 291 13.42 2.94 0.78
CA GLU A 291 13.24 2.05 -0.35
C GLU A 291 12.57 0.76 0.14
N TYR A 292 11.74 0.16 -0.71
CA TYR A 292 11.05 -1.07 -0.36
C TYR A 292 11.37 -2.13 -1.40
N PRO A 293 11.53 -3.39 -0.96
CA PRO A 293 11.86 -4.45 -1.92
C PRO A 293 10.81 -4.69 -3.01
N ILE A 294 11.25 -5.33 -4.12
CA ILE A 294 10.38 -5.71 -5.22
C ILE A 294 9.66 -7.01 -4.86
N ILE A 295 8.33 -6.98 -4.79
CA ILE A 295 7.55 -8.16 -4.47
C ILE A 295 6.56 -8.58 -5.58
N GLY A 296 6.51 -7.82 -6.67
CA GLY A 296 5.58 -8.06 -7.76
C GLY A 296 5.97 -7.41 -9.07
N ASP A 297 4.97 -6.79 -9.72
CA ASP A 297 5.16 -6.18 -11.03
C ASP A 297 5.61 -4.73 -11.01
N GLU A 298 6.22 -4.27 -9.90
CA GLU A 298 6.72 -2.89 -9.76
C GLU A 298 7.34 -2.29 -11.02
N LEU A 299 8.33 -2.97 -11.62
CA LEU A 299 9.05 -2.44 -12.76
C LEU A 299 8.23 -2.35 -14.04
N LYS A 300 7.38 -3.36 -14.29
CA LYS A 300 6.55 -3.37 -15.46
C LYS A 300 5.53 -2.26 -15.39
N ILE A 301 4.94 -2.04 -14.21
CA ILE A 301 3.94 -1.00 -13.95
C ILE A 301 4.54 0.40 -14.16
N ASN A 302 5.75 0.61 -13.62
CA ASN A 302 6.41 1.91 -13.75
C ASN A 302 6.78 2.20 -15.21
N ALA A 303 7.20 1.17 -15.95
CA ALA A 303 7.54 1.31 -17.36
C ALA A 303 6.25 1.60 -18.15
N ALA A 304 5.17 0.88 -17.82
CA ALA A 304 3.88 1.04 -18.46
C ALA A 304 3.34 2.46 -18.28
N CYS A 305 3.46 3.02 -17.08
CA CYS A 305 2.99 4.36 -16.77
C CYS A 305 3.69 5.41 -17.60
N ARG A 306 5.01 5.25 -17.80
CA ARG A 306 5.81 6.16 -18.60
C ARG A 306 5.38 6.08 -20.08
N LYS A 307 5.07 4.86 -20.57
CA LYS A 307 4.66 4.61 -21.95
C LYS A 307 3.30 5.24 -22.20
N VAL A 308 2.34 4.98 -21.30
CA VAL A 308 1.00 5.53 -21.41
C VAL A 308 1.01 7.05 -21.34
N GLN A 309 1.84 7.63 -20.45
CA GLN A 309 1.91 9.08 -20.32
C GLN A 309 2.41 9.75 -21.58
N HIS A 310 3.46 9.21 -22.18
CA HIS A 310 3.98 9.73 -23.45
C HIS A 310 2.92 9.61 -24.55
N MET A 311 2.23 8.47 -24.61
CA MET A 311 1.24 8.23 -25.64
C MET A 311 0.04 9.18 -25.55
N VAL A 312 -0.54 9.30 -24.36
CA VAL A 312 -1.74 10.08 -24.16
C VAL A 312 -1.52 11.58 -24.34
N VAL A 313 -0.42 12.10 -23.82
CA VAL A 313 -0.10 13.52 -23.92
C VAL A 313 0.31 13.86 -25.34
N LYS A 314 1.08 12.98 -26.01
CA LYS A 314 1.50 13.23 -27.38
C LYS A 314 0.29 13.29 -28.31
N ALA A 315 -0.68 12.36 -28.13
CA ALA A 315 -1.87 12.36 -28.97
C ALA A 315 -2.76 13.54 -28.66
N ALA A 316 -2.89 13.92 -27.39
CA ALA A 316 -3.72 15.08 -27.02
C ALA A 316 -3.18 16.38 -27.67
N LEU A 317 -1.85 16.52 -27.75
CA LEU A 317 -1.25 17.69 -28.36
C LEU A 317 -1.42 17.64 -29.87
N LEU A 318 -1.42 16.48 -30.50
CA LEU A 318 -1.62 16.35 -31.96
C LEU A 318 -3.07 16.58 -32.34
N ALA A 319 -4.00 16.04 -31.54
CA ALA A 319 -5.44 16.12 -31.82
C ALA A 319 -6.03 17.50 -31.58
N ASP A 320 -5.54 18.23 -30.55
CA ASP A 320 -6.10 19.53 -30.24
C ASP A 320 -5.13 20.72 -30.36
N LYS A 321 -3.85 20.47 -30.63
CA LYS A 321 -2.87 21.53 -30.89
C LYS A 321 -2.86 22.65 -29.86
N PHE A 322 -2.79 22.29 -28.57
CA PHE A 322 -2.77 23.28 -27.51
C PHE A 322 -1.49 24.09 -27.58
N PRO A 323 -1.56 25.42 -27.42
CA PRO A 323 -0.32 26.21 -27.48
C PRO A 323 0.53 26.13 -26.19
N VAL A 324 -0.11 25.81 -25.05
CA VAL A 324 0.61 25.73 -23.78
C VAL A 324 0.11 24.52 -22.97
N LEU A 325 1.02 23.86 -22.24
CA LEU A 325 0.69 22.73 -21.37
C LEU A 325 1.18 23.07 -19.95
N HIS A 326 0.28 23.01 -18.98
CA HIS A 326 0.57 23.29 -17.57
C HIS A 326 0.77 21.96 -16.90
N ASP A 327 2.01 21.60 -16.59
CA ASP A 327 2.37 20.33 -15.96
C ASP A 327 2.38 20.52 -14.46
N ILE A 328 1.30 20.11 -13.78
CA ILE A 328 1.19 20.27 -12.32
C ILE A 328 1.46 18.96 -11.59
N GLY A 329 2.50 18.94 -10.76
CA GLY A 329 2.84 17.74 -10.02
C GLY A 329 4.28 17.68 -9.60
N ASN A 330 4.89 16.50 -9.68
CA ASN A 330 6.28 16.28 -9.24
C ASN A 330 7.28 17.41 -9.54
N PRO A 331 7.94 17.99 -8.51
CA PRO A 331 8.91 19.05 -8.79
C PRO A 331 10.14 18.61 -9.60
N LYS A 332 10.36 17.29 -9.72
CA LYS A 332 11.47 16.76 -10.48
C LYS A 332 11.03 16.24 -11.87
N ALA A 333 9.77 16.53 -12.30
CA ALA A 333 9.22 16.08 -13.59
C ALA A 333 9.99 16.56 -14.81
N ILE A 334 9.95 15.73 -15.84
CA ILE A 334 10.59 15.94 -17.12
C ILE A 334 9.47 16.00 -18.17
N LYS A 335 9.67 16.72 -19.31
CA LYS A 335 8.69 16.76 -20.41
C LYS A 335 8.51 15.31 -20.92
N CYS A 336 7.30 14.75 -20.79
CA CYS A 336 7.02 13.36 -21.23
C CYS A 336 7.00 13.23 -22.76
N VAL A 337 6.74 14.34 -23.48
CA VAL A 337 6.77 14.41 -24.95
C VAL A 337 7.82 15.49 -25.30
N PRO A 338 9.12 15.16 -25.21
CA PRO A 338 10.17 16.18 -25.42
C PRO A 338 10.18 16.88 -26.78
N GLN A 339 9.74 16.20 -27.84
CA GLN A 339 9.76 16.82 -29.16
C GLN A 339 8.51 17.67 -29.46
N ALA A 340 7.47 17.64 -28.61
CA ALA A 340 6.25 18.42 -28.87
C ALA A 340 6.50 19.93 -29.05
N ASP A 341 5.71 20.59 -29.91
CA ASP A 341 5.89 22.01 -30.21
C ASP A 341 5.60 22.94 -29.02
N VAL A 342 4.52 22.64 -28.30
CA VAL A 342 3.94 23.31 -27.15
C VAL A 342 4.91 24.02 -26.16
N GLU A 343 4.39 25.05 -25.49
CA GLU A 343 5.09 25.79 -24.46
C GLU A 343 4.86 25.00 -23.17
N TRP A 344 5.89 24.32 -22.68
CA TRP A 344 5.78 23.48 -21.48
C TRP A 344 6.09 24.26 -20.20
N LYS A 345 5.09 24.39 -19.31
CA LYS A 345 5.25 25.12 -18.07
C LYS A 345 5.02 24.19 -16.88
N PHE A 346 6.01 24.12 -15.98
CA PHE A 346 5.96 23.24 -14.81
C PHE A 346 5.56 23.97 -13.52
N TYR A 347 4.79 23.31 -12.69
CA TYR A 347 4.32 23.84 -11.41
C TYR A 347 4.54 22.68 -10.45
N ASP A 348 5.27 22.97 -9.37
CA ASP A 348 5.66 21.98 -8.39
C ASP A 348 4.61 21.73 -7.33
N ALA A 349 4.34 20.48 -7.09
CA ALA A 349 3.46 20.03 -6.03
C ALA A 349 3.84 18.61 -5.70
N GLN A 350 4.18 18.36 -4.45
CA GLN A 350 4.54 17.04 -3.97
C GLN A 350 3.29 16.15 -3.87
N PRO A 351 3.43 14.80 -3.84
CA PRO A 351 2.25 13.94 -3.69
C PRO A 351 1.50 14.25 -2.39
N CYS A 352 0.20 14.59 -2.45
CA CYS A 352 -0.56 14.86 -1.23
C CYS A 352 -0.88 13.52 -0.58
N SER A 353 -0.54 13.38 0.70
CA SER A 353 -0.78 12.14 1.40
C SER A 353 -1.99 12.18 2.33
N ASP A 354 -2.45 13.38 2.71
CA ASP A 354 -3.58 13.53 3.64
C ASP A 354 -4.88 13.73 2.85
N LYS A 355 -5.26 14.98 2.55
CA LYS A 355 -6.43 15.29 1.73
C LYS A 355 -5.93 15.72 0.34
N ALA A 356 -6.80 15.53 -0.69
CA ALA A 356 -6.48 15.93 -2.06
C ALA A 356 -6.27 17.43 -2.14
N TYR A 357 -5.39 17.92 -3.03
CA TYR A 357 -5.18 19.37 -3.16
C TYR A 357 -6.44 20.07 -3.58
N LYS A 358 -6.69 21.27 -3.06
CA LYS A 358 -7.82 22.05 -3.51
C LYS A 358 -7.35 22.80 -4.77
N ILE A 359 -8.08 22.71 -5.89
CA ILE A 359 -7.70 23.40 -7.12
C ILE A 359 -7.58 24.93 -6.91
N GLU A 360 -8.36 25.49 -5.96
CA GLU A 360 -8.30 26.91 -5.68
C GLU A 360 -6.94 27.29 -5.10
N GLU A 361 -6.34 26.42 -4.26
CA GLU A 361 -5.03 26.74 -3.68
C GLU A 361 -3.90 26.51 -4.70
N LEU A 362 -4.03 25.49 -5.57
CA LEU A 362 -3.00 25.22 -6.58
C LEU A 362 -2.97 26.30 -7.64
N PHE A 363 -4.14 26.82 -8.03
CA PHE A 363 -4.24 27.75 -9.14
C PHE A 363 -4.39 29.21 -8.78
N TYR A 364 -5.06 29.52 -7.67
CA TYR A 364 -5.35 30.91 -7.34
C TYR A 364 -4.38 31.47 -6.27
N SER A 365 -4.65 32.70 -5.80
CA SER A 365 -3.78 33.49 -4.91
C SER A 365 -2.59 34.03 -5.74
N TYR A 366 -2.89 34.42 -7.02
CA TYR A 366 -2.00 34.97 -8.05
C TYR A 366 -0.78 34.11 -8.36
N HIS A 369 4.47 31.90 -13.52
CA HIS A 369 3.22 31.21 -13.87
C HIS A 369 2.60 31.81 -15.10
N SER A 370 1.90 30.98 -15.89
CA SER A 370 1.13 31.53 -17.02
C SER A 370 -0.05 32.36 -16.46
N ASP A 371 -0.54 32.01 -15.22
CA ASP A 371 -1.68 32.60 -14.49
C ASP A 371 -3.00 32.15 -15.16
N LYS A 372 -3.00 32.07 -16.51
CA LYS A 372 -4.12 31.59 -17.30
C LYS A 372 -4.00 30.08 -17.50
N PHE A 373 -4.39 29.31 -16.46
CA PHE A 373 -4.45 27.85 -16.51
C PHE A 373 -5.58 27.36 -17.45
N THR A 374 -6.53 28.26 -17.80
CA THR A 374 -7.63 28.09 -18.73
C THR A 374 -7.14 28.04 -20.19
N ASP A 375 -5.92 28.56 -20.47
CA ASP A 375 -5.29 28.50 -21.79
C ASP A 375 -4.61 27.15 -21.92
N GLY A 376 -4.78 26.50 -23.07
CA GLY A 376 -4.16 25.23 -23.34
C GLY A 376 -4.71 24.09 -22.53
N VAL A 377 -3.82 23.19 -22.08
CA VAL A 377 -4.24 22.02 -21.35
C VAL A 377 -3.43 21.85 -20.06
N CYS A 378 -4.05 21.27 -19.03
CA CYS A 378 -3.40 21.01 -17.76
C CYS A 378 -3.15 19.54 -17.64
N LEU A 379 -1.96 19.17 -17.20
CA LEU A 379 -1.59 17.77 -17.07
C LEU A 379 -1.43 17.47 -15.59
N PHE A 380 -2.22 16.55 -15.04
CA PHE A 380 -2.16 16.16 -13.63
C PHE A 380 -1.81 14.68 -13.55
N TRP A 381 -0.53 14.35 -13.66
CA TRP A 381 -0.08 12.97 -13.62
C TRP A 381 0.24 12.62 -12.20
N ASN A 382 -0.70 11.89 -11.55
CA ASN A 382 -0.69 11.51 -10.14
C ASN A 382 -0.65 12.71 -9.22
N CYS A 383 -1.26 13.84 -9.63
CA CYS A 383 -1.34 15.01 -8.77
C CYS A 383 -2.83 15.05 -8.37
N ASN A 384 -3.14 14.52 -7.19
CA ASN A 384 -4.52 14.31 -6.75
C ASN A 384 -5.20 15.58 -6.27
N VAL A 385 -6.14 16.11 -7.06
CA VAL A 385 -6.83 17.35 -6.70
C VAL A 385 -8.34 17.09 -6.44
N ASP A 386 -9.02 18.01 -5.76
CA ASP A 386 -10.43 17.85 -5.42
C ASP A 386 -11.38 17.88 -6.65
N ARG A 387 -11.12 18.77 -7.61
CA ARG A 387 -11.96 18.87 -8.79
C ARG A 387 -11.09 19.35 -9.91
N TYR A 388 -10.92 18.51 -10.94
CA TYR A 388 -10.07 18.85 -12.06
C TYR A 388 -10.73 19.84 -12.99
N PRO A 389 -9.95 20.79 -13.52
CA PRO A 389 -10.51 21.71 -14.52
C PRO A 389 -10.90 20.94 -15.80
N ALA A 390 -11.86 21.47 -16.57
CA ALA A 390 -12.32 20.84 -17.80
C ALA A 390 -11.21 20.57 -18.84
N ASN A 391 -10.19 21.43 -18.94
CA ASN A 391 -9.11 21.24 -19.94
C ASN A 391 -7.93 20.41 -19.36
N SER A 392 -8.20 19.19 -18.86
CA SER A 392 -7.17 18.38 -18.23
C SER A 392 -6.97 17.01 -18.83
N ILE A 393 -5.75 16.46 -18.66
CA ILE A 393 -5.28 15.09 -18.93
C ILE A 393 -4.90 14.62 -17.52
N VAL A 394 -5.52 13.54 -17.04
CA VAL A 394 -5.32 13.09 -15.65
C VAL A 394 -5.02 11.63 -15.46
N CYS A 395 -4.04 11.33 -14.62
CA CYS A 395 -3.80 9.98 -14.15
C CYS A 395 -4.03 10.02 -12.62
N ARG A 396 -5.05 9.30 -12.15
CA ARG A 396 -5.35 9.27 -10.73
C ARG A 396 -5.40 7.82 -10.24
N PHE A 397 -4.63 7.53 -9.19
CA PHE A 397 -4.59 6.20 -8.58
C PHE A 397 -5.90 5.94 -7.82
N ASP A 398 -6.52 4.80 -8.10
CA ASP A 398 -7.76 4.38 -7.47
C ASP A 398 -7.38 3.55 -6.26
N THR A 399 -7.53 4.15 -5.08
CA THR A 399 -7.20 3.54 -3.80
C THR A 399 -7.98 2.25 -3.48
N ARG A 400 -9.14 2.02 -4.13
CA ARG A 400 -9.94 0.82 -3.87
C ARG A 400 -9.35 -0.45 -4.47
N VAL A 401 -8.38 -0.32 -5.39
CA VAL A 401 -7.78 -1.47 -6.04
C VAL A 401 -7.17 -2.49 -5.08
N LEU A 402 -7.44 -3.78 -5.31
CA LEU A 402 -6.87 -4.84 -4.49
C LEU A 402 -5.56 -5.30 -5.14
N SER A 403 -4.42 -5.13 -4.45
CA SER A 403 -3.15 -5.60 -4.98
C SER A 403 -2.12 -5.79 -3.88
N ASN A 404 -1.06 -6.56 -4.15
CA ASN A 404 0.03 -6.72 -3.18
C ASN A 404 0.84 -5.41 -3.00
N LEU A 405 0.70 -4.45 -3.94
CA LEU A 405 1.35 -3.16 -3.80
C LEU A 405 0.53 -2.19 -2.94
N ASN A 406 -0.80 -2.31 -2.99
CA ASN A 406 -1.71 -1.42 -2.29
C ASN A 406 -2.17 -1.96 -0.92
N LEU A 407 -1.77 -1.30 0.13
CA LEU A 407 -2.14 -1.69 1.49
C LEU A 407 -3.27 -0.78 1.98
N PRO A 408 -4.16 -1.27 2.86
CA PRO A 408 -5.24 -0.42 3.39
C PRO A 408 -4.66 0.78 4.15
N GLY A 409 -5.28 1.93 4.01
CA GLY A 409 -4.79 3.15 4.62
C GLY A 409 -5.76 3.82 5.56
N CYS A 410 -5.56 5.14 5.71
N CYS A 410 -5.59 5.14 5.69
CA CYS A 410 -6.28 6.00 6.65
CA CYS A 410 -6.39 5.97 6.60
C CYS A 410 -7.36 6.85 5.98
C CYS A 410 -7.46 6.75 5.91
N ASP A 411 -8.60 6.87 6.57
CA ASP A 411 -9.75 7.67 6.10
C ASP A 411 -10.14 7.41 4.64
N GLY A 412 -10.18 6.15 4.24
CA GLY A 412 -10.53 5.78 2.87
C GLY A 412 -9.35 5.72 1.92
N GLY A 413 -8.23 6.32 2.31
CA GLY A 413 -7.03 6.34 1.50
C GLY A 413 -6.31 5.02 1.53
N SER A 414 -5.25 4.91 0.73
CA SER A 414 -4.51 3.66 0.67
C SER A 414 -3.04 3.93 0.66
N LEU A 415 -2.24 2.95 1.09
CA LEU A 415 -0.79 3.11 1.10
C LEU A 415 -0.25 2.35 -0.08
N TYR A 416 0.15 3.05 -1.15
CA TYR A 416 0.66 2.38 -2.34
C TYR A 416 2.16 2.23 -2.22
N VAL A 417 2.65 1.00 -2.14
CA VAL A 417 4.08 0.76 -1.93
C VAL A 417 4.75 0.17 -3.18
N ASN A 418 5.41 1.01 -3.95
CA ASN A 418 6.08 0.63 -5.17
C ASN A 418 7.38 1.42 -5.15
N LYS A 419 8.46 0.78 -4.67
CA LYS A 419 9.80 1.34 -4.43
C LYS A 419 9.77 2.30 -3.24
N HIS A 420 8.81 3.20 -3.21
CA HIS A 420 8.59 4.16 -2.15
C HIS A 420 7.15 4.01 -1.64
N ALA A 421 6.89 4.44 -0.40
CA ALA A 421 5.55 4.35 0.17
C ALA A 421 4.82 5.65 -0.02
N PHE A 422 3.63 5.62 -0.65
CA PHE A 422 2.85 6.81 -0.89
C PHE A 422 1.44 6.64 -0.40
N HIS A 423 1.08 7.30 0.70
CA HIS A 423 -0.29 7.26 1.20
C HIS A 423 -1.07 8.18 0.26
N THR A 424 -2.14 7.67 -0.35
CA THR A 424 -2.94 8.39 -1.34
C THR A 424 -4.31 8.64 -0.79
N PRO A 425 -4.84 9.86 -0.92
CA PRO A 425 -6.21 10.14 -0.42
C PRO A 425 -7.27 9.33 -1.12
N ALA A 426 -8.39 9.08 -0.46
CA ALA A 426 -9.49 8.30 -1.01
C ALA A 426 -9.91 8.72 -2.41
N PHE A 427 -10.05 7.73 -3.29
CA PHE A 427 -10.53 7.93 -4.64
C PHE A 427 -11.97 8.51 -4.58
N ASP A 428 -12.22 9.58 -5.36
CA ASP A 428 -13.50 10.24 -5.34
C ASP A 428 -13.91 10.53 -6.76
N LYS A 429 -15.00 9.86 -7.22
CA LYS A 429 -15.55 9.98 -8.57
C LYS A 429 -15.96 11.39 -8.96
N SER A 430 -16.29 12.23 -7.97
CA SER A 430 -16.71 13.59 -8.22
C SER A 430 -15.55 14.54 -8.59
N ALA A 431 -14.29 14.11 -8.41
CA ALA A 431 -13.12 14.91 -8.84
C ALA A 431 -13.08 15.07 -10.36
N PHE A 432 -13.67 14.11 -11.08
CA PHE A 432 -13.65 14.00 -12.53
C PHE A 432 -14.93 14.41 -13.23
N VAL A 433 -15.83 15.15 -12.58
CA VAL A 433 -17.07 15.58 -13.19
C VAL A 433 -16.90 16.43 -14.47
N ASN A 434 -15.83 17.25 -14.60
CA ASN A 434 -15.63 18.02 -15.84
C ASN A 434 -14.92 17.22 -16.94
N LEU A 435 -14.57 15.96 -16.67
CA LEU A 435 -13.84 15.13 -17.60
C LEU A 435 -14.65 13.85 -17.98
N LYS A 436 -14.08 13.04 -18.85
CA LYS A 436 -14.61 11.74 -19.21
C LYS A 436 -13.45 10.70 -19.08
N GLN A 437 -13.79 9.42 -19.03
CA GLN A 437 -12.82 8.36 -19.00
C GLN A 437 -12.07 8.34 -20.33
N LEU A 438 -10.74 8.23 -20.28
CA LEU A 438 -9.97 8.18 -21.50
C LEU A 438 -10.09 6.77 -22.10
N PRO A 439 -10.51 6.67 -23.36
CA PRO A 439 -10.61 5.34 -23.99
C PRO A 439 -9.26 4.82 -24.42
N PHE A 440 -9.11 3.50 -24.50
CA PHE A 440 -7.87 2.91 -25.00
C PHE A 440 -7.71 3.27 -26.50
N PHE A 441 -6.47 3.52 -26.90
CA PHE A 441 -6.05 3.76 -28.26
C PHE A 441 -4.54 3.63 -28.28
N TYR A 442 -4.01 3.26 -29.43
CA TYR A 442 -2.57 3.22 -29.68
C TYR A 442 -2.36 4.17 -30.87
N TYR A 443 -1.43 5.09 -30.78
CA TYR A 443 -1.12 6.00 -31.88
C TYR A 443 0.37 5.87 -32.20
N SER A 444 0.72 5.88 -33.47
CA SER A 444 2.10 5.89 -33.90
C SER A 444 2.26 6.53 -35.27
N ASP A 445 3.20 7.44 -35.35
CA ASP A 445 3.60 8.07 -36.59
C ASP A 445 4.96 7.54 -37.08
N SER A 446 5.52 6.50 -36.43
CA SER A 446 6.81 5.92 -36.80
C SER A 446 6.70 5.16 -38.12
N PRO A 447 7.80 5.04 -38.89
CA PRO A 447 7.71 4.33 -40.18
C PRO A 447 7.31 2.85 -40.03
N CYS A 448 6.61 2.33 -41.03
CA CYS A 448 6.18 0.95 -41.07
C CYS A 448 7.39 0.17 -41.56
N GLU A 449 8.15 -0.41 -40.64
CA GLU A 449 9.37 -1.12 -40.97
C GLU A 449 9.64 -2.10 -39.84
N SER A 450 9.75 -3.40 -40.18
CA SER A 450 9.91 -4.49 -39.24
C SER A 450 11.24 -4.50 -38.44
N HIS A 451 12.40 -4.73 -39.12
CA HIS A 451 13.72 -4.81 -38.47
C HIS A 451 13.86 -5.93 -37.44
N GLY A 452 14.82 -6.83 -37.68
CA GLY A 452 15.12 -7.94 -36.76
C GLY A 452 14.48 -9.26 -37.10
N ILE A 459 9.23 -14.82 -32.40
CA ILE A 459 8.04 -13.99 -32.24
C ILE A 459 7.15 -14.10 -33.47
N ASP A 460 6.35 -15.19 -33.60
CA ASP A 460 5.50 -15.39 -34.78
C ASP A 460 4.20 -14.53 -34.75
N TYR A 461 3.61 -14.31 -35.95
CA TYR A 461 2.52 -13.38 -36.23
C TYR A 461 1.15 -13.96 -36.63
N VAL A 462 0.09 -13.18 -36.31
CA VAL A 462 -1.33 -13.31 -36.66
C VAL A 462 -1.73 -11.87 -37.03
N PRO A 463 -2.30 -11.61 -38.21
CA PRO A 463 -2.62 -10.22 -38.59
C PRO A 463 -3.52 -9.48 -37.61
N LEU A 464 -3.17 -8.20 -37.34
CA LEU A 464 -3.95 -7.42 -36.41
C LEU A 464 -5.05 -6.64 -37.12
N LYS A 465 -6.29 -6.73 -36.59
CA LYS A 465 -7.44 -5.96 -37.05
C LYS A 465 -7.96 -5.22 -35.82
N SER A 466 -7.92 -3.89 -35.86
CA SER A 466 -8.37 -3.09 -34.73
C SER A 466 -8.71 -1.69 -35.13
N ALA A 467 -9.84 -1.19 -34.66
CA ALA A 467 -10.24 0.18 -34.92
C ALA A 467 -9.42 1.18 -34.07
N THR A 468 -8.74 0.74 -32.99
CA THR A 468 -7.98 1.62 -32.12
C THR A 468 -6.47 1.64 -32.38
N CYS A 469 -6.02 1.08 -33.50
CA CYS A 469 -4.60 1.08 -33.88
C CYS A 469 -4.49 2.26 -34.82
N ILE A 470 -4.19 3.45 -34.32
CA ILE A 470 -4.13 4.66 -35.14
C ILE A 470 -2.74 4.82 -35.80
N THR A 471 -2.59 4.21 -36.97
CA THR A 471 -1.34 4.25 -37.75
C THR A 471 -1.68 4.49 -39.22
N ARG A 472 -0.66 4.89 -40.02
CA ARG A 472 -0.76 5.10 -41.46
C ARG A 472 -1.19 3.81 -42.16
N CYS A 473 -0.66 2.66 -41.70
CA CYS A 473 -0.96 1.36 -42.28
C CYS A 473 -2.39 0.97 -42.06
N ASN A 474 -2.96 1.28 -40.90
CA ASN A 474 -4.36 1.00 -40.63
C ASN A 474 -5.28 1.95 -41.41
N LEU A 475 -4.85 3.21 -41.59
CA LEU A 475 -5.54 4.20 -42.42
C LEU A 475 -5.61 3.64 -43.88
N GLY A 476 -4.48 3.12 -44.35
CA GLY A 476 -4.29 2.51 -45.65
C GLY A 476 -4.84 1.11 -45.79
N GLY A 477 -5.58 0.61 -44.79
CA GLY A 477 -6.24 -0.67 -44.88
C GLY A 477 -5.66 -1.90 -44.21
N ALA A 478 -4.36 -1.94 -43.96
CA ALA A 478 -3.75 -3.15 -43.37
C ALA A 478 -2.57 -2.88 -42.43
N VAL A 479 -2.75 -3.11 -41.12
CA VAL A 479 -1.70 -2.91 -40.13
C VAL A 479 -0.44 -3.73 -40.46
N CYS A 480 0.73 -3.06 -40.52
CA CYS A 480 2.01 -3.70 -40.79
C CYS A 480 2.44 -4.52 -39.56
N ARG A 481 3.42 -5.45 -39.70
CA ARG A 481 3.89 -6.28 -38.59
C ARG A 481 4.50 -5.47 -37.44
N HIS A 482 5.27 -4.43 -37.77
CA HIS A 482 5.90 -3.60 -36.74
C HIS A 482 4.83 -2.92 -35.85
N HIS A 483 3.85 -2.24 -36.47
CA HIS A 483 2.83 -1.55 -35.70
C HIS A 483 1.90 -2.51 -34.96
N ALA A 484 1.73 -3.75 -35.45
CA ALA A 484 0.92 -4.78 -34.81
C ALA A 484 1.62 -5.27 -33.56
N ASN A 485 2.96 -5.47 -33.63
CA ASN A 485 3.77 -5.90 -32.47
C ASN A 485 3.77 -4.81 -31.42
N GLU A 486 3.94 -3.55 -31.84
CA GLU A 486 3.98 -2.38 -30.98
C GLU A 486 2.64 -2.13 -30.35
N TYR A 487 1.55 -2.34 -31.08
CA TYR A 487 0.19 -2.18 -30.57
C TYR A 487 -0.04 -3.18 -29.44
N ARG A 488 0.35 -4.44 -29.67
CA ARG A 488 0.14 -5.49 -28.67
C ARG A 488 0.98 -5.28 -27.45
N LEU A 489 2.19 -4.73 -27.59
CA LEU A 489 3.02 -4.43 -26.43
C LEU A 489 2.39 -3.29 -25.63
N TYR A 490 1.92 -2.23 -26.32
CA TYR A 490 1.26 -1.10 -25.71
C TYR A 490 -0.04 -1.48 -25.02
N LEU A 491 -0.83 -2.35 -25.63
CA LEU A 491 -2.07 -2.83 -25.03
C LEU A 491 -1.75 -3.61 -23.72
N ASP A 492 -0.66 -4.38 -23.72
CA ASP A 492 -0.25 -5.11 -22.52
C ASP A 492 0.17 -4.14 -21.42
N ALA A 493 0.97 -3.11 -21.77
CA ALA A 493 1.42 -2.11 -20.80
C ALA A 493 0.20 -1.32 -20.23
N TYR A 494 -0.73 -0.95 -21.08
CA TYR A 494 -1.94 -0.26 -20.69
C TYR A 494 -2.77 -1.09 -19.69
N ASN A 495 -2.97 -2.38 -19.99
CA ASN A 495 -3.74 -3.28 -19.13
C ASN A 495 -3.10 -3.48 -17.75
N MET A 496 -1.77 -3.46 -17.70
CA MET A 496 -0.98 -3.63 -16.50
C MET A 496 -1.18 -2.40 -15.58
N MET A 497 -1.12 -1.19 -16.17
CA MET A 497 -1.31 0.07 -15.47
C MET A 497 -2.74 0.17 -14.90
N ILE A 498 -3.75 -0.21 -15.70
CA ILE A 498 -5.14 -0.15 -15.28
C ILE A 498 -5.37 -1.12 -14.13
N SER A 499 -4.93 -2.36 -14.33
CA SER A 499 -5.11 -3.38 -13.33
C SER A 499 -4.29 -3.11 -12.06
N ALA A 500 -3.18 -2.35 -12.14
CA ALA A 500 -2.43 -1.93 -10.95
C ALA A 500 -3.20 -0.87 -10.12
N GLY A 501 -4.30 -0.31 -10.66
CA GLY A 501 -5.14 0.66 -9.97
C GLY A 501 -5.20 2.06 -10.54
N PHE A 502 -4.44 2.36 -11.60
CA PHE A 502 -4.47 3.70 -12.18
C PHE A 502 -5.67 3.94 -13.07
N SER A 503 -6.21 5.17 -13.06
CA SER A 503 -7.36 5.54 -13.89
C SER A 503 -6.99 6.77 -14.70
N LEU A 504 -7.45 6.82 -15.96
CA LEU A 504 -7.13 7.88 -16.91
C LEU A 504 -8.34 8.65 -17.34
N TRP A 505 -8.23 9.98 -17.27
CA TRP A 505 -9.31 10.89 -17.57
C TRP A 505 -8.82 12.00 -18.50
N VAL A 506 -9.72 12.53 -19.33
CA VAL A 506 -9.35 13.53 -20.32
C VAL A 506 -10.50 14.51 -20.58
N TYR A 507 -10.19 15.70 -21.10
CA TYR A 507 -11.16 16.70 -21.47
C TYR A 507 -12.20 16.13 -22.44
N LYS A 508 -13.47 16.51 -22.26
CA LYS A 508 -14.58 15.96 -23.05
C LYS A 508 -14.45 16.06 -24.59
N GLN A 509 -13.70 17.03 -25.11
CA GLN A 509 -13.53 17.19 -26.56
C GLN A 509 -12.52 16.21 -27.17
N PHE A 510 -11.77 15.44 -26.35
CA PHE A 510 -10.78 14.53 -26.88
C PHE A 510 -11.43 13.45 -27.73
N ASP A 511 -10.98 13.34 -28.96
CA ASP A 511 -11.54 12.42 -29.91
C ASP A 511 -10.40 11.92 -30.75
N THR A 512 -10.19 10.61 -30.80
CA THR A 512 -9.09 10.05 -31.58
C THR A 512 -9.28 10.14 -33.09
N TYR A 513 -10.51 10.46 -33.54
CA TYR A 513 -10.80 10.69 -34.95
C TYR A 513 -9.92 11.79 -35.52
N ASN A 514 -9.52 12.76 -34.67
CA ASN A 514 -8.65 13.87 -35.02
C ASN A 514 -7.18 13.44 -35.21
N LEU A 515 -6.82 12.17 -34.92
CA LEU A 515 -5.45 11.70 -35.11
C LEU A 515 -5.20 11.16 -36.54
N TRP A 516 -6.26 10.74 -37.26
CA TRP A 516 -6.09 10.22 -38.62
C TRP A 516 -5.51 11.25 -39.61
N ASN A 517 -5.85 12.55 -39.44
CA ASN A 517 -5.33 13.57 -40.35
C ASN A 517 -3.89 13.99 -40.05
N THR A 518 -3.21 13.35 -39.08
CA THR A 518 -1.78 13.62 -38.87
C THR A 518 -0.92 12.72 -39.87
N PHE A 519 -1.58 11.89 -40.70
CA PHE A 519 -0.99 11.08 -41.75
C PHE A 519 -1.59 11.63 -43.06
N THR A 520 -0.90 12.58 -43.72
CA THR A 520 -1.40 13.21 -44.96
C THR A 520 -0.26 13.43 -45.97
ZN ZN B . -9.09 4.40 10.41
ZN ZN C . 2.66 0.42 -39.94
ZN ZN D . 9.91 -21.62 2.41
P PO4 E . 9.73 -6.51 4.23
O1 PO4 E . 9.23 -5.53 3.06
O2 PO4 E . 9.88 -7.99 3.72
O3 PO4 E . 11.19 -6.02 4.68
O4 PO4 E . 8.64 -6.41 5.40
P PO4 F . 6.46 3.07 -31.87
O1 PO4 F . 7.33 2.21 -32.85
O2 PO4 F . 5.82 4.32 -32.63
O3 PO4 F . 5.29 2.17 -31.24
O4 PO4 F . 7.38 3.60 -30.67
N1 O2M G . -15.38 -8.21 22.48
N3 O2M G . -13.98 -5.95 21.56
C4 O2M G . -15.51 -10.39 23.59
C5 O2M G . -16.22 -9.36 22.76
C6 O2M G . -15.50 -7.06 23.16
C7 O2M G . -14.71 -5.91 22.68
C8 O2M G . -14.59 -4.63 23.26
C1 O2M G . -15.16 -13.88 24.47
C2 O2M G . -15.01 -12.40 24.41
C3 O2M G . -14.19 -11.65 25.20
C9 O2M G . -13.77 -3.92 22.46
N2 O2M G . -13.41 -4.73 21.45
N4 O2M G . -15.74 -11.67 23.49
O1 O2M G . -16.21 -6.96 24.16
S1 O2M G . -14.33 -9.98 24.79
#